data_2GGQ
#
_entry.id   2GGQ
#
_cell.length_a   122.750
_cell.length_b   122.750
_cell.length_c   95.518
_cell.angle_alpha   90.00
_cell.angle_beta   90.00
_cell.angle_gamma   120.00
#
_symmetry.space_group_name_H-M   'H 3'
#
loop_
_entity.id
_entity.type
_entity.pdbx_description
1 polymer '401aa long hypothetical glucose-1-phosphate thymidylyltransferase'
2 non-polymer 'IODIDE ION'
3 non-polymer "THYMIDINE-5'-TRIPHOSPHATE"
4 water water
#
_entity_poly.entity_id   1
_entity_poly.type   'polypeptide(L)'
_entity_poly.pdbx_seq_one_letter_code
;MKAFILAAGSGERLEPITHTRPKAFVPILSKPLIEYQIEYLRKCGIRDITVIVSSKNKEYFEKKLKEISIVTQKDDIKGT
GAAILSAKFNDEALIIYGDLFFSNEKEICNIITLKENAIIGVKVSNPKDYGVLVLDNQNNLSKIIEKPEIPPSNLINAGI
YKLNSDIFTYLDKISISERGELELTDAINLMAKDHRVKVIEYEGYWMDIGKPWNIIDVNKWALDNLVFSQNLGNVEDNVK
IKGKVIIEEDAEIKSGTYIEGPVYIGKGSEIGPNSYLRPYTILVEKNKIGASVEVKESVIMEGSKIPHLSYVGDSVIAED
VNFGAGTLIANLRFDEKEVKVNVKGKRISSGRRKLGAFIGGHVRTGINVTILPGVKIGAYARIYPGAVVNRDVGYGEFFK
V
;
_entity_poly.pdbx_strand_id   A
#
# COMPACT_ATOMS: atom_id res chain seq x y z
N MET A 1 -6.00 26.55 -3.29
CA MET A 1 -5.64 25.72 -2.10
C MET A 1 -4.49 24.82 -2.61
N LYS A 2 -3.40 24.71 -1.86
CA LYS A 2 -2.34 23.75 -2.20
C LYS A 2 -2.47 22.48 -1.35
N ALA A 3 -1.96 21.37 -1.89
CA ALA A 3 -1.89 20.09 -1.16
C ALA A 3 -0.45 19.60 -1.17
N PHE A 4 -0.05 18.95 -0.08
CA PHE A 4 1.24 18.28 -0.01
C PHE A 4 1.07 16.81 0.40
N ILE A 5 1.62 15.90 -0.39
CA ILE A 5 1.66 14.47 -0.05
C ILE A 5 3.03 14.18 0.54
N LEU A 6 3.04 13.72 1.79
CA LEU A 6 4.29 13.41 2.47
C LEU A 6 4.61 11.96 2.12
N ALA A 7 5.54 11.82 1.15
CA ALA A 7 5.85 10.53 0.56
C ALA A 7 7.34 10.20 0.67
N ALA A 8 7.97 10.69 1.73
CA ALA A 8 9.40 10.51 1.93
C ALA A 8 9.74 9.54 3.08
N GLY A 9 8.80 8.66 3.40
CA GLY A 9 9.00 7.59 4.38
C GLY A 9 9.97 6.57 3.82
N SER A 10 10.61 5.82 4.70
CA SER A 10 11.60 4.86 4.28
C SER A 10 11.02 3.56 3.68
N GLY A 11 9.75 3.27 3.96
CA GLY A 11 9.11 2.09 3.35
C GLY A 11 9.78 0.73 3.62
N GLU A 12 10.58 0.66 4.68
CA GLU A 12 11.23 -0.61 5.09
C GLU A 12 10.28 -1.74 5.51
N ARG A 13 9.18 -1.38 6.17
CA ARG A 13 8.19 -2.41 6.57
C ARG A 13 7.46 -3.02 5.39
N LEU A 14 7.59 -2.40 4.23
CA LEU A 14 6.88 -2.89 3.05
C LEU A 14 7.80 -3.61 2.08
N GLU A 15 9.02 -3.90 2.52
CA GLU A 15 9.95 -4.66 1.69
C GLU A 15 9.35 -6.07 1.56
N PRO A 16 9.60 -6.77 0.43
CA PRO A 16 10.47 -6.41 -0.70
C PRO A 16 9.84 -5.52 -1.76
N ILE A 17 8.57 -5.17 -1.62
CA ILE A 17 7.91 -4.33 -2.64
C ILE A 17 8.69 -3.01 -2.88
N THR A 18 9.07 -2.36 -1.80
CA THR A 18 9.83 -1.09 -1.84
C THR A 18 11.30 -1.22 -2.29
N HIS A 19 11.77 -2.44 -2.56
CA HIS A 19 13.10 -2.57 -3.14
C HIS A 19 13.17 -1.90 -4.51
N THR A 20 12.06 -1.86 -5.24
CA THR A 20 12.01 -1.34 -6.60
C THR A 20 10.99 -0.22 -6.90
N ARG A 21 10.12 0.11 -5.95
CA ARG A 21 9.22 1.26 -6.15
C ARG A 21 8.98 1.95 -4.81
N PRO A 22 8.72 3.27 -4.83
CA PRO A 22 8.21 3.89 -3.63
C PRO A 22 6.84 3.36 -3.23
N LYS A 23 6.57 3.37 -1.94
CA LYS A 23 5.29 2.91 -1.41
C LYS A 23 4.10 3.60 -2.08
N ALA A 24 4.29 4.86 -2.49
CA ALA A 24 3.23 5.64 -3.17
C ALA A 24 2.81 5.01 -4.50
N PHE A 25 3.64 4.13 -5.05
CA PHE A 25 3.31 3.48 -6.34
C PHE A 25 2.85 2.02 -6.24
N VAL A 26 2.54 1.57 -5.02
CA VAL A 26 1.89 0.27 -4.79
C VAL A 26 0.57 0.26 -5.56
N PRO A 27 0.30 -0.80 -6.38
CA PRO A 27 -0.95 -0.83 -7.13
C PRO A 27 -2.13 -1.30 -6.31
N ILE A 28 -3.27 -0.67 -6.56
CA ILE A 28 -4.54 -1.08 -6.06
C ILE A 28 -5.32 -1.25 -7.31
N LEU A 29 -5.65 -2.49 -7.63
CA LEU A 29 -6.10 -2.84 -8.98
C LEU A 29 -5.11 -2.25 -9.98
N SER A 30 -5.58 -1.53 -10.99
CA SER A 30 -4.67 -1.05 -12.03
C SER A 30 -3.83 0.23 -11.74
N LYS A 31 -4.21 1.04 -10.73
CA LYS A 31 -3.60 2.34 -10.50
C LYS A 31 -2.79 2.36 -9.20
N PRO A 32 -1.68 3.10 -9.20
CA PRO A 32 -0.90 3.22 -7.99
C PRO A 32 -1.64 4.04 -6.94
N LEU A 33 -1.33 3.76 -5.69
CA LEU A 33 -1.85 4.49 -4.56
C LEU A 33 -1.92 6.01 -4.79
N ILE A 34 -0.78 6.57 -5.18
CA ILE A 34 -0.69 8.03 -5.26
C ILE A 34 -1.70 8.55 -6.27
N GLU A 35 -2.00 7.78 -7.31
CA GLU A 35 -2.96 8.22 -8.34
C GLU A 35 -4.39 8.33 -7.79
N TYR A 36 -4.77 7.46 -6.85
CA TYR A 36 -6.06 7.65 -6.15
C TYR A 36 -6.08 8.96 -5.33
N GLN A 37 -5.02 9.21 -4.58
CA GLN A 37 -4.87 10.44 -3.83
C GLN A 37 -4.99 11.69 -4.69
N ILE A 38 -4.27 11.71 -5.81
CA ILE A 38 -4.27 12.89 -6.70
C ILE A 38 -5.68 13.10 -7.27
N GLU A 39 -6.29 11.99 -7.67
CA GLU A 39 -7.65 11.92 -8.17
C GLU A 39 -8.65 12.54 -7.16
N TYR A 40 -8.59 12.08 -5.90
CA TYR A 40 -9.41 12.65 -4.81
C TYR A 40 -9.21 14.15 -4.62
N LEU A 41 -7.95 14.55 -4.50
CA LEU A 41 -7.57 15.95 -4.38
C LEU A 41 -8.18 16.80 -5.49
N ARG A 42 -7.94 16.38 -6.74
CA ARG A 42 -8.49 17.07 -7.93
C ARG A 42 -10.00 17.13 -7.94
N LYS A 43 -10.63 16.01 -7.54
CA LYS A 43 -12.07 15.96 -7.35
C LYS A 43 -12.57 17.02 -6.36
N CYS A 44 -11.76 17.42 -5.40
CA CYS A 44 -12.12 18.49 -4.47
C CYS A 44 -11.64 19.91 -4.83
N GLY A 45 -11.12 20.06 -6.03
CA GLY A 45 -10.69 21.35 -6.57
C GLY A 45 -9.29 21.72 -6.14
N ILE A 46 -8.48 20.72 -5.82
CA ILE A 46 -7.08 20.98 -5.52
C ILE A 46 -6.22 20.48 -6.66
N ARG A 47 -5.56 21.41 -7.34
CA ARG A 47 -4.75 21.06 -8.50
C ARG A 47 -3.28 21.36 -8.30
N ASP A 48 -2.98 22.24 -7.36
CA ASP A 48 -1.59 22.53 -7.01
C ASP A 48 -1.15 21.51 -5.96
N ILE A 49 -0.62 20.39 -6.45
CA ILE A 49 -0.26 19.27 -5.58
C ILE A 49 1.26 19.14 -5.64
N THR A 50 1.86 18.99 -4.48
CA THR A 50 3.27 18.78 -4.35
C THR A 50 3.49 17.45 -3.58
N VAL A 51 4.35 16.61 -4.11
CA VAL A 51 4.76 15.43 -3.36
C VAL A 51 6.12 15.68 -2.82
N ILE A 52 6.30 15.44 -1.52
CA ILE A 52 7.61 15.52 -0.90
C ILE A 52 8.23 14.09 -0.84
N VAL A 53 9.42 13.92 -1.40
CA VAL A 53 10.02 12.58 -1.61
C VAL A 53 11.45 12.52 -1.04
N SER A 54 11.99 11.33 -0.87
CA SER A 54 13.41 11.21 -0.53
C SER A 54 14.18 11.52 -1.80
N SER A 55 15.40 12.03 -1.65
CA SER A 55 16.31 12.30 -2.80
C SER A 55 16.54 11.07 -3.68
N LYS A 56 16.71 9.91 -3.03
CA LYS A 56 16.81 8.63 -3.75
C LYS A 56 15.68 8.39 -4.73
N ASN A 57 14.49 8.88 -4.41
CA ASN A 57 13.28 8.61 -5.22
C ASN A 57 12.82 9.70 -6.15
N LYS A 58 13.52 10.83 -6.13
CA LYS A 58 13.13 12.01 -6.89
C LYS A 58 12.90 11.68 -8.35
N GLU A 59 13.88 10.97 -8.91
CA GLU A 59 13.86 10.56 -10.32
C GLU A 59 12.62 9.72 -10.65
N TYR A 60 12.33 8.73 -9.80
CA TYR A 60 11.21 7.83 -10.02
C TYR A 60 9.89 8.61 -10.08
N PHE A 61 9.68 9.50 -9.11
CA PHE A 61 8.48 10.33 -9.07
C PHE A 61 8.37 11.27 -10.28
N GLU A 62 9.47 11.96 -10.60
CA GLU A 62 9.44 12.88 -11.76
C GLU A 62 8.99 12.18 -13.04
N LYS A 63 9.50 10.97 -13.24
CA LYS A 63 9.20 10.17 -14.42
C LYS A 63 7.77 9.63 -14.52
N LYS A 64 7.09 9.48 -13.37
CA LYS A 64 5.73 8.91 -13.34
C LYS A 64 4.60 9.94 -13.26
N LEU A 65 4.91 11.10 -12.70
CA LEU A 65 3.91 12.13 -12.39
C LEU A 65 4.19 13.44 -13.13
N LYS A 66 3.60 13.58 -14.31
CA LYS A 66 3.85 14.75 -15.16
C LYS A 66 3.32 16.11 -14.66
N GLU A 67 2.16 16.16 -14.02
CA GLU A 67 1.59 17.49 -13.70
C GLU A 67 1.62 17.86 -12.20
N ILE A 68 2.61 17.33 -11.50
CA ILE A 68 2.68 17.37 -10.04
C ILE A 68 4.07 17.85 -9.67
N SER A 69 4.18 18.76 -8.71
CA SER A 69 5.48 19.23 -8.28
C SER A 69 6.11 18.22 -7.36
N ILE A 70 7.39 17.98 -7.57
CA ILE A 70 8.11 17.06 -6.71
C ILE A 70 9.19 17.82 -6.03
N VAL A 71 9.26 17.68 -4.70
CA VAL A 71 10.27 18.36 -3.92
C VAL A 71 10.88 17.31 -3.03
N THR A 72 12.20 17.40 -2.84
CA THR A 72 12.90 16.46 -2.00
C THR A 72 12.94 16.94 -0.57
N GLN A 73 12.77 16.02 0.36
CA GLN A 73 12.93 16.29 1.76
C GLN A 73 14.42 16.60 2.04
N LYS A 74 14.70 17.50 2.99
CA LYS A 74 16.10 17.77 3.36
C LYS A 74 16.75 16.44 3.74
N ASP A 75 17.94 16.19 3.18
CA ASP A 75 18.67 14.93 3.38
C ASP A 75 19.01 14.60 4.84
N ASP A 76 19.31 15.64 5.62
CA ASP A 76 19.94 15.48 6.94
C ASP A 76 18.96 15.32 8.10
N ILE A 77 17.67 15.33 7.77
CA ILE A 77 16.59 15.23 8.75
C ILE A 77 15.55 14.17 8.38
N LYS A 78 14.90 13.59 9.40
CA LYS A 78 13.82 12.63 9.13
C LYS A 78 12.54 12.92 9.92
N GLY A 79 11.42 12.44 9.40
CA GLY A 79 10.15 12.48 10.11
C GLY A 79 9.09 13.21 9.32
N THR A 80 7.84 13.08 9.74
CA THR A 80 6.73 13.81 9.12
C THR A 80 6.94 15.32 9.24
N GLY A 81 7.50 15.76 10.37
CA GLY A 81 7.92 17.16 10.60
C GLY A 81 8.94 17.66 9.59
N ALA A 82 9.95 16.84 9.29
CA ALA A 82 11.01 17.23 8.34
C ALA A 82 10.45 17.34 6.91
N ALA A 83 9.50 16.47 6.61
CA ALA A 83 8.86 16.49 5.33
C ALA A 83 8.15 17.85 5.10
N ILE A 84 7.40 18.35 6.07
CA ILE A 84 6.66 19.62 5.83
C ILE A 84 7.56 20.86 5.73
N LEU A 85 8.76 20.79 6.31
CA LEU A 85 9.76 21.85 6.20
C LEU A 85 10.23 22.14 4.78
N SER A 86 9.93 21.23 3.85
CA SER A 86 10.11 21.48 2.41
C SER A 86 8.78 21.91 1.79
N ALA A 87 7.71 21.81 2.56
CA ALA A 87 6.41 22.30 2.12
C ALA A 87 6.45 23.84 2.15
N LYS A 88 6.20 24.44 0.99
CA LYS A 88 6.18 25.90 0.90
C LYS A 88 4.76 26.39 0.75
N PHE A 89 4.21 26.90 1.86
CA PHE A 89 2.95 27.57 1.80
C PHE A 89 2.82 28.68 2.84
N ASN A 90 2.05 29.66 2.42
CA ASN A 90 1.50 30.68 3.28
C ASN A 90 0.01 30.44 3.16
N ASP A 91 -0.75 30.72 4.22
CA ASP A 91 -2.20 30.75 4.14
C ASP A 91 -2.98 29.50 4.51
N GLU A 92 -2.37 28.34 4.36
CA GLU A 92 -3.03 27.02 4.61
C GLU A 92 -2.75 25.98 3.50
N ALA A 93 -2.84 24.70 3.86
CA ALA A 93 -2.62 23.61 2.90
C ALA A 93 -3.23 22.34 3.43
N LEU A 94 -3.68 21.50 2.50
CA LEU A 94 -4.07 20.12 2.80
C LEU A 94 -2.80 19.29 2.82
N ILE A 95 -2.59 18.53 3.89
CA ILE A 95 -1.45 17.64 4.03
C ILE A 95 -1.99 16.23 4.21
N ILE A 96 -1.42 15.31 3.45
CA ILE A 96 -1.85 13.91 3.45
C ILE A 96 -0.61 12.98 3.42
N TYR A 97 -0.65 11.91 4.20
CA TYR A 97 0.45 10.93 4.21
C TYR A 97 0.39 10.08 2.96
N GLY A 98 1.55 9.80 2.37
CA GLY A 98 1.62 9.15 1.07
C GLY A 98 1.35 7.65 0.94
N ASP A 99 1.06 7.00 2.06
CA ASP A 99 0.72 5.58 2.06
C ASP A 99 -0.73 5.27 2.49
N LEU A 100 -1.59 6.29 2.45
CA LEU A 100 -2.96 6.16 2.88
C LEU A 100 -3.85 5.85 1.72
N PHE A 101 -4.67 4.83 1.89
CA PHE A 101 -5.78 4.61 1.02
C PHE A 101 -7.03 4.85 1.83
N PHE A 102 -7.98 5.55 1.24
CA PHE A 102 -9.31 5.76 1.82
C PHE A 102 -10.35 5.78 0.71
N SER A 103 -11.60 5.58 1.07
CA SER A 103 -12.61 5.17 0.09
C SER A 103 -13.18 6.27 -0.79
N ASN A 104 -13.04 7.52 -0.32
CA ASN A 104 -13.65 8.67 -0.99
C ASN A 104 -13.02 10.00 -0.54
N GLU A 105 -13.32 11.05 -1.30
CA GLU A 105 -12.74 12.39 -1.08
C GLU A 105 -13.62 13.30 -0.22
N LYS A 106 -14.88 12.90 -0.01
CA LYS A 106 -15.84 13.71 0.76
C LYS A 106 -15.24 14.48 1.94
N GLU A 107 -14.29 13.87 2.66
CA GLU A 107 -13.75 14.50 3.85
C GLU A 107 -12.74 15.56 3.51
N ILE A 108 -11.96 15.32 2.46
CA ILE A 108 -11.03 16.34 1.98
C ILE A 108 -11.85 17.54 1.47
N CYS A 109 -12.94 17.29 0.75
CA CYS A 109 -13.76 18.37 0.22
C CYS A 109 -14.29 19.27 1.35
N ASN A 110 -14.73 18.64 2.42
CA ASN A 110 -15.25 19.35 3.58
C ASN A 110 -14.18 20.15 4.34
N ILE A 111 -13.01 19.51 4.55
CA ILE A 111 -11.98 20.09 5.41
C ILE A 111 -11.36 21.38 4.83
N ILE A 112 -11.20 21.43 3.51
CA ILE A 112 -10.61 22.60 2.87
C ILE A 112 -11.49 23.88 2.94
N THR A 113 -12.78 23.72 3.24
CA THR A 113 -13.69 24.88 3.41
C THR A 113 -13.53 25.62 4.75
N LEU A 114 -12.76 25.01 5.67
CA LEU A 114 -12.68 25.46 7.05
C LEU A 114 -11.52 26.42 7.25
N LYS A 115 -11.75 27.46 8.04
CA LYS A 115 -10.73 28.43 8.39
C LYS A 115 -9.73 27.90 9.40
N GLU A 116 -10.26 27.15 10.38
CA GLU A 116 -9.49 26.51 11.45
C GLU A 116 -8.48 25.50 10.89
N ASN A 117 -7.48 25.20 11.69
CA ASN A 117 -6.72 23.97 11.53
C ASN A 117 -7.68 22.81 11.76
N ALA A 118 -7.57 21.77 10.93
CA ALA A 118 -8.42 20.61 11.04
C ALA A 118 -7.64 19.33 10.81
N ILE A 119 -8.00 18.27 11.54
CA ILE A 119 -7.45 16.94 11.28
C ILE A 119 -8.58 15.93 11.16
N ILE A 120 -8.31 14.86 10.43
CA ILE A 120 -9.24 13.73 10.32
C ILE A 120 -8.77 12.62 11.26
N GLY A 121 -9.69 12.08 12.04
CA GLY A 121 -9.42 10.91 12.88
C GLY A 121 -10.27 9.77 12.37
N VAL A 122 -9.81 8.54 12.58
CA VAL A 122 -10.56 7.39 12.13
C VAL A 122 -10.44 6.32 13.21
N LYS A 123 -11.53 5.58 13.45
CA LYS A 123 -11.48 4.53 14.49
C LYS A 123 -10.85 3.24 13.95
N VAL A 124 -9.82 2.75 14.65
CA VAL A 124 -9.19 1.49 14.29
C VAL A 124 -9.51 0.43 15.36
N SER A 125 -8.96 -0.78 15.22
CA SER A 125 -9.13 -1.77 16.28
C SER A 125 -7.79 -1.99 16.98
N ASN A 126 -6.71 -1.49 16.37
CA ASN A 126 -5.38 -1.56 16.95
C ASN A 126 -4.73 -0.18 17.21
N PRO A 127 -5.37 0.68 18.04
CA PRO A 127 -4.92 2.07 18.18
C PRO A 127 -3.52 2.30 18.81
N LYS A 128 -2.77 1.25 19.09
CA LYS A 128 -1.69 1.40 20.04
C LYS A 128 -0.41 1.53 19.28
N ASP A 129 -0.38 0.88 18.13
CA ASP A 129 -0.01 1.48 16.88
C ASP A 129 -0.90 2.66 16.51
N TYR A 130 -0.28 3.72 16.06
CA TYR A 130 -1.02 4.90 15.61
C TYR A 130 -1.08 5.98 16.67
N GLY A 131 -1.21 7.20 16.17
CA GLY A 131 -1.44 8.41 16.99
C GLY A 131 -2.89 8.51 17.44
N VAL A 132 -3.10 8.34 18.74
CA VAL A 132 -4.47 8.39 19.28
C VAL A 132 -4.87 9.86 19.51
N LEU A 133 -6.09 10.20 19.09
CA LEU A 133 -6.64 11.55 19.25
C LEU A 133 -7.37 11.69 20.57
N VAL A 134 -6.85 12.55 21.44
CA VAL A 134 -7.57 12.90 22.67
C VAL A 134 -8.33 14.22 22.46
N LEU A 135 -9.64 14.16 22.57
CA LEU A 135 -10.46 15.32 22.34
C LEU A 135 -10.71 16.05 23.66
N ASP A 136 -10.97 17.36 23.58
CA ASP A 136 -11.43 18.11 24.76
C ASP A 136 -12.97 18.06 24.85
N ASN A 137 -13.54 18.81 25.80
CA ASN A 137 -14.99 18.77 26.04
C ASN A 137 -15.81 19.25 24.85
N GLN A 138 -15.18 20.05 24.00
CA GLN A 138 -15.85 20.67 22.88
C GLN A 138 -15.68 19.85 21.61
N ASN A 139 -15.02 18.69 21.76
CA ASN A 139 -14.71 17.77 20.66
C ASN A 139 -13.64 18.30 19.67
N ASN A 140 -12.83 19.27 20.11
CA ASN A 140 -11.65 19.72 19.39
C ASN A 140 -10.44 18.98 19.94
N LEU A 141 -9.32 19.07 19.22
CA LEU A 141 -8.16 18.32 19.63
C LEU A 141 -7.54 18.84 20.93
N SER A 142 -7.40 17.94 21.90
CA SER A 142 -6.60 18.22 23.09
C SER A 142 -5.16 17.85 22.75
N LYS A 143 -4.91 16.55 22.56
CA LYS A 143 -3.58 16.09 22.13
C LYS A 143 -3.61 14.81 21.27
N ILE A 144 -2.51 14.58 20.56
CA ILE A 144 -2.27 13.33 19.85
C ILE A 144 -1.26 12.50 20.66
N ILE A 145 -1.67 11.30 21.07
CA ILE A 145 -0.79 10.41 21.83
C ILE A 145 -0.18 9.33 20.91
N GLU A 146 1.14 9.41 20.74
CA GLU A 146 1.87 8.58 19.80
C GLU A 146 2.19 7.19 20.33
N LYS A 147 1.54 6.20 19.71
CA LYS A 147 1.75 4.77 19.99
C LYS A 147 1.75 4.42 21.49
N PRO A 148 0.62 4.68 22.17
CA PRO A 148 0.60 4.65 23.63
C PRO A 148 0.92 3.30 24.31
N GLU A 149 0.64 2.17 23.64
CA GLU A 149 0.63 0.85 24.31
C GLU A 149 -0.37 0.84 25.50
N ILE A 150 -1.56 1.35 25.19
CA ILE A 150 -2.70 1.56 26.09
C ILE A 150 -3.75 2.28 25.23
N PRO A 151 -5.03 1.86 25.31
CA PRO A 151 -6.02 2.50 24.45
C PRO A 151 -6.94 3.52 25.17
N PRO A 152 -6.57 4.82 25.14
CA PRO A 152 -7.51 5.84 25.68
C PRO A 152 -8.76 5.98 24.83
N SER A 153 -8.62 5.66 23.54
CA SER A 153 -9.69 5.86 22.55
C SER A 153 -9.46 4.96 21.31
N ASN A 154 -10.56 4.64 20.63
CA ASN A 154 -10.58 4.10 19.25
C ASN A 154 -9.96 5.04 18.20
N LEU A 155 -10.20 6.33 18.39
CA LEU A 155 -9.99 7.36 17.36
C LEU A 155 -8.54 7.69 17.23
N ILE A 156 -8.01 7.54 16.02
CA ILE A 156 -6.57 7.81 15.75
C ILE A 156 -6.39 8.81 14.60
N ASN A 157 -5.20 9.36 14.52
CA ASN A 157 -4.80 10.29 13.49
C ASN A 157 -4.81 9.61 12.14
N ALA A 158 -5.75 10.00 11.31
CA ALA A 158 -5.83 9.47 9.95
C ALA A 158 -4.80 10.01 8.95
N GLY A 159 -3.96 10.97 9.36
CA GLY A 159 -2.88 11.49 8.51
C GLY A 159 -3.41 12.32 7.34
N ILE A 160 -4.54 13.00 7.56
CA ILE A 160 -5.16 13.94 6.62
C ILE A 160 -5.45 15.23 7.41
N TYR A 161 -4.73 16.30 7.07
CA TYR A 161 -4.76 17.56 7.82
C TYR A 161 -5.08 18.70 6.88
N LYS A 162 -5.68 19.74 7.43
CA LYS A 162 -5.71 21.04 6.79
C LYS A 162 -5.13 21.99 7.80
N LEU A 163 -3.90 22.40 7.57
CA LEU A 163 -3.19 23.25 8.52
C LEU A 163 -2.86 24.60 7.94
N ASN A 164 -2.85 25.58 8.82
CA ASN A 164 -2.50 26.94 8.51
C ASN A 164 -0.97 27.09 8.65
N SER A 165 -0.42 28.15 8.05
CA SER A 165 1.02 28.42 8.15
C SER A 165 1.49 28.61 9.59
N ASP A 166 0.55 28.72 10.54
CA ASP A 166 0.95 28.69 11.95
C ASP A 166 2.03 27.67 12.30
N ILE A 167 2.20 26.60 11.53
CA ILE A 167 2.10 25.26 12.04
C ILE A 167 3.65 25.33 12.13
N PHE A 168 4.25 26.10 11.22
CA PHE A 168 5.70 26.29 11.14
C PHE A 168 6.32 27.01 12.36
N THR A 169 5.54 27.89 12.99
CA THR A 169 5.93 28.56 14.23
C THR A 169 6.19 27.49 15.28
N TYR A 170 5.31 26.48 15.29
CA TYR A 170 5.38 25.39 16.24
C TYR A 170 6.39 24.31 15.88
N LEU A 171 6.62 24.11 14.58
CA LEU A 171 7.65 23.18 14.12
C LEU A 171 9.05 23.65 14.53
N ASP A 172 9.20 24.96 14.71
CA ASP A 172 10.47 25.55 15.13
C ASP A 172 10.71 25.38 16.63
N LYS A 173 9.63 25.29 17.40
CA LYS A 173 9.70 25.14 18.86
C LYS A 173 9.93 23.69 19.24
N ILE A 174 9.81 22.82 18.26
CA ILE A 174 9.82 21.37 18.45
C ILE A 174 11.23 20.85 18.67
N SER A 175 11.35 20.05 19.73
CA SER A 175 12.59 19.38 20.08
C SER A 175 12.36 17.92 19.75
N ILE A 176 13.23 17.38 18.89
CA ILE A 176 12.98 16.07 18.34
C ILE A 176 14.28 15.28 18.08
N SER A 177 14.45 14.10 18.69
CA SER A 177 13.66 13.48 19.79
C SER A 177 13.77 11.95 19.78
N GLU A 178 12.97 11.27 20.60
CA GLU A 178 13.22 9.86 21.00
C GLU A 178 13.27 8.81 19.87
N ARG A 179 13.10 9.26 18.63
CA ARG A 179 13.18 8.40 17.46
C ARG A 179 14.28 8.88 16.49
N GLY A 180 14.94 9.99 16.86
CA GLY A 180 15.96 10.67 16.02
C GLY A 180 15.32 11.53 14.94
N GLU A 181 14.11 12.01 15.24
CA GLU A 181 13.14 12.33 14.23
C GLU A 181 12.37 13.61 14.54
N LEU A 182 12.03 14.36 13.50
CA LEU A 182 11.17 15.54 13.63
C LEU A 182 9.69 15.21 13.33
N GLU A 183 8.89 15.19 14.38
CA GLU A 183 7.54 14.67 14.25
C GLU A 183 6.50 15.76 14.13
N LEU A 184 5.70 15.70 13.07
CA LEU A 184 4.61 16.66 12.83
C LEU A 184 3.58 16.69 13.98
N THR A 185 3.21 15.53 14.52
CA THR A 185 2.21 15.51 15.59
C THR A 185 2.62 16.22 16.89
N ASP A 186 3.93 16.33 17.12
CA ASP A 186 4.51 17.14 18.22
C ASP A 186 4.24 18.63 18.05
N ALA A 187 4.42 19.10 16.81
CA ALA A 187 4.17 20.49 16.45
C ALA A 187 2.68 20.77 16.52
N ILE A 188 1.89 19.82 16.05
CA ILE A 188 0.43 19.92 16.14
C ILE A 188 0.00 19.96 17.61
N ASN A 189 0.75 19.27 18.45
CA ASN A 189 0.42 19.20 19.85
C ASN A 189 0.59 20.54 20.58
N LEU A 190 1.66 21.27 20.28
CA LEU A 190 1.84 22.65 20.74
C LEU A 190 0.75 23.59 20.19
N MET A 191 0.51 23.49 18.89
CA MET A 191 -0.35 24.43 18.20
C MET A 191 -1.75 24.36 18.76
N ALA A 192 -2.19 23.16 19.08
CA ALA A 192 -3.52 22.94 19.59
C ALA A 192 -3.74 23.50 21.01
N LYS A 193 -2.65 23.92 21.68
CA LYS A 193 -2.81 24.61 22.99
C LYS A 193 -3.26 26.06 22.76
N ASP A 194 -2.75 26.64 21.68
CA ASP A 194 -2.99 28.04 21.31
C ASP A 194 -4.10 28.23 20.28
N HIS A 195 -4.28 27.24 19.40
CA HIS A 195 -5.27 27.37 18.33
C HIS A 195 -6.25 26.22 18.38
N ARG A 196 -7.45 26.47 17.89
CA ARG A 196 -8.46 25.43 17.82
C ARG A 196 -8.11 24.51 16.64
N VAL A 197 -8.06 23.21 16.92
CA VAL A 197 -7.90 22.19 15.87
C VAL A 197 -9.15 21.30 15.82
N LYS A 198 -10.00 21.50 14.83
CA LYS A 198 -11.16 20.65 14.67
C LYS A 198 -10.71 19.21 14.40
N VAL A 199 -11.52 18.26 14.84
CA VAL A 199 -11.35 16.86 14.51
C VAL A 199 -12.60 16.43 13.78
N ILE A 200 -12.42 15.86 12.59
CA ILE A 200 -13.53 15.35 11.77
C ILE A 200 -13.38 13.83 11.71
N GLU A 201 -14.42 13.10 12.10
CA GLU A 201 -14.37 11.63 12.08
C GLU A 201 -14.64 11.12 10.67
N TYR A 202 -13.65 10.43 10.12
CA TYR A 202 -13.77 9.80 8.82
C TYR A 202 -14.63 8.56 9.05
N GLU A 203 -15.67 8.37 8.25
CA GLU A 203 -16.57 7.21 8.46
C GLU A 203 -16.41 6.01 7.48
N GLY A 204 -15.95 6.26 6.26
CA GLY A 204 -15.75 5.18 5.27
C GLY A 204 -14.55 4.25 5.56
N TYR A 205 -14.08 3.59 4.51
CA TYR A 205 -12.93 2.70 4.61
C TYR A 205 -11.64 3.51 4.61
N TRP A 206 -10.73 3.16 5.50
CA TRP A 206 -9.42 3.79 5.58
C TRP A 206 -8.39 2.69 5.91
N MET A 207 -7.16 2.82 5.39
CA MET A 207 -6.07 1.87 5.73
C MET A 207 -4.72 2.46 5.30
N ASP A 208 -3.73 2.37 6.17
CA ASP A 208 -2.37 2.69 5.76
C ASP A 208 -1.69 1.41 5.25
N ILE A 209 -0.98 1.53 4.13
CA ILE A 209 -0.27 0.40 3.53
C ILE A 209 1.10 0.33 4.23
N GLY A 210 1.12 -0.25 5.42
CA GLY A 210 2.31 -0.23 6.27
C GLY A 210 3.10 -1.50 6.01
N LYS A 211 2.39 -2.64 6.03
CA LYS A 211 3.01 -3.96 5.91
C LYS A 211 2.50 -4.73 4.70
N PRO A 212 3.30 -5.70 4.18
CA PRO A 212 2.99 -6.23 2.86
C PRO A 212 1.63 -6.85 2.72
N TRP A 213 1.12 -7.43 3.80
CA TRP A 213 -0.19 -8.08 3.67
C TRP A 213 -1.28 -7.02 3.55
N ASN A 214 -0.98 -5.76 3.88
CA ASN A 214 -1.99 -4.67 3.69
C ASN A 214 -2.24 -4.41 2.23
N ILE A 215 -1.26 -4.73 1.39
CA ILE A 215 -1.48 -4.68 -0.05
C ILE A 215 -2.63 -5.57 -0.46
N ILE A 216 -2.70 -6.76 0.13
CA ILE A 216 -3.83 -7.64 -0.16
C ILE A 216 -5.13 -7.00 0.40
N ASP A 217 -5.10 -6.60 1.66
CA ASP A 217 -6.22 -5.88 2.34
C ASP A 217 -6.89 -4.83 1.44
N VAL A 218 -6.11 -3.86 0.95
CA VAL A 218 -6.71 -2.77 0.18
C VAL A 218 -7.17 -3.21 -1.21
N ASN A 219 -6.44 -4.14 -1.81
CA ASN A 219 -6.81 -4.56 -3.15
C ASN A 219 -8.10 -5.35 -3.05
N LYS A 220 -8.27 -6.11 -1.96
CA LYS A 220 -9.52 -6.83 -1.76
C LYS A 220 -10.67 -5.82 -1.60
N TRP A 221 -10.44 -4.78 -0.82
CA TRP A 221 -11.49 -3.74 -0.63
C TRP A 221 -11.84 -3.06 -1.93
N ALA A 222 -10.83 -2.60 -2.68
CA ALA A 222 -11.06 -2.01 -3.99
C ALA A 222 -11.85 -2.89 -4.98
N LEU A 223 -11.49 -4.17 -5.06
CA LEU A 223 -12.20 -5.10 -5.91
C LEU A 223 -13.69 -5.25 -5.53
N ASP A 224 -13.96 -5.25 -4.24
CA ASP A 224 -15.34 -5.42 -3.76
C ASP A 224 -16.14 -4.11 -4.00
N ASN A 225 -15.46 -2.97 -3.94
CA ASN A 225 -16.15 -1.67 -3.87
C ASN A 225 -16.06 -0.71 -5.05
N LEU A 226 -14.95 -0.78 -5.78
CA LEU A 226 -14.70 0.27 -6.76
C LEU A 226 -14.97 -0.08 -8.21
N VAL A 227 -15.16 -1.38 -8.49
CA VAL A 227 -15.28 -1.83 -9.87
C VAL A 227 -16.44 -2.78 -10.03
N PHE A 228 -16.95 -2.87 -11.26
CA PHE A 228 -18.07 -3.74 -11.59
C PHE A 228 -17.69 -4.75 -12.67
N SER A 229 -18.31 -5.92 -12.62
CA SER A 229 -18.17 -6.98 -13.62
C SER A 229 -18.20 -6.41 -15.05
N GLN A 230 -17.16 -6.68 -15.83
CA GLN A 230 -17.10 -6.18 -17.22
C GLN A 230 -16.19 -7.07 -18.04
N ASN A 231 -16.45 -7.14 -19.34
CA ASN A 231 -15.54 -7.83 -20.21
C ASN A 231 -15.15 -7.00 -21.41
N LEU A 232 -13.94 -6.43 -21.35
CA LEU A 232 -13.36 -5.68 -22.46
C LEU A 232 -12.28 -6.49 -23.24
N GLY A 233 -12.15 -7.76 -22.88
CA GLY A 233 -11.12 -8.63 -23.46
C GLY A 233 -11.68 -9.66 -24.44
N ASN A 234 -10.93 -10.75 -24.60
CA ASN A 234 -11.26 -11.82 -25.51
C ASN A 234 -11.32 -13.10 -24.71
N VAL A 235 -12.52 -13.64 -24.59
CA VAL A 235 -12.71 -14.88 -23.83
C VAL A 235 -13.08 -15.99 -24.78
N GLU A 236 -12.27 -17.06 -24.78
CA GLU A 236 -12.49 -18.16 -25.74
C GLU A 236 -13.64 -19.01 -25.28
N ASP A 237 -14.06 -19.95 -26.12
CA ASP A 237 -15.06 -20.92 -25.70
C ASP A 237 -14.56 -21.82 -24.56
N ASN A 238 -15.51 -22.40 -23.83
CA ASN A 238 -15.27 -23.25 -22.63
C ASN A 238 -14.39 -22.62 -21.54
N VAL A 239 -14.67 -21.35 -21.26
CA VAL A 239 -14.16 -20.67 -20.08
C VAL A 239 -15.38 -20.49 -19.15
N LYS A 240 -15.25 -20.88 -17.88
CA LYS A 240 -16.37 -20.77 -16.95
C LYS A 240 -16.12 -19.58 -16.04
N ILE A 241 -17.12 -18.69 -15.99
CA ILE A 241 -17.06 -17.51 -15.14
C ILE A 241 -18.22 -17.47 -14.18
N LYS A 242 -17.91 -17.45 -12.88
CA LYS A 242 -18.88 -17.20 -11.84
C LYS A 242 -18.51 -15.93 -11.07
N GLY A 243 -19.53 -15.18 -10.67
CA GLY A 243 -19.35 -14.03 -9.80
C GLY A 243 -18.81 -12.85 -10.57
N LYS A 244 -18.23 -11.90 -9.84
CA LYS A 244 -17.78 -10.64 -10.42
C LYS A 244 -16.39 -10.82 -11.01
N VAL A 245 -16.28 -10.52 -12.29
CA VAL A 245 -14.99 -10.61 -12.95
C VAL A 245 -14.80 -9.38 -13.81
N ILE A 246 -13.67 -8.73 -13.62
CA ILE A 246 -13.25 -7.61 -14.45
C ILE A 246 -12.19 -8.11 -15.39
N ILE A 247 -12.52 -8.12 -16.67
CA ILE A 247 -11.56 -8.45 -17.70
C ILE A 247 -11.25 -7.14 -18.44
N GLU A 248 -10.02 -6.66 -18.32
CA GLU A 248 -9.63 -5.40 -18.96
C GLU A 248 -9.21 -5.57 -20.42
N GLU A 249 -9.01 -4.45 -21.11
CA GLU A 249 -8.77 -4.49 -22.54
C GLU A 249 -7.51 -5.23 -22.89
N ASP A 250 -7.55 -5.92 -24.03
CA ASP A 250 -6.45 -6.72 -24.55
C ASP A 250 -6.10 -7.98 -23.74
N ALA A 251 -6.90 -8.28 -22.70
CA ALA A 251 -6.72 -9.52 -21.95
C ALA A 251 -7.28 -10.66 -22.80
N GLU A 252 -6.59 -11.81 -22.74
CA GLU A 252 -6.95 -13.00 -23.49
C GLU A 252 -7.12 -14.16 -22.49
N ILE A 253 -8.27 -14.82 -22.52
CA ILE A 253 -8.59 -15.91 -21.59
C ILE A 253 -8.91 -17.17 -22.40
N LYS A 254 -7.98 -18.12 -22.37
CA LYS A 254 -8.10 -19.33 -23.18
C LYS A 254 -9.00 -20.42 -22.62
N SER A 255 -9.50 -21.29 -23.49
CA SER A 255 -10.41 -22.39 -23.06
C SER A 255 -9.88 -23.25 -21.86
N GLY A 256 -10.80 -23.69 -21.01
CA GLY A 256 -10.54 -24.58 -19.87
C GLY A 256 -10.31 -23.77 -18.62
N THR A 257 -10.09 -22.48 -18.79
CA THR A 257 -9.94 -21.58 -17.67
C THR A 257 -11.21 -21.53 -16.85
N TYR A 258 -11.06 -21.54 -15.51
CA TYR A 258 -12.21 -21.51 -14.60
C TYR A 258 -12.01 -20.36 -13.62
N ILE A 259 -13.01 -19.49 -13.51
CA ILE A 259 -12.87 -18.29 -12.69
C ILE A 259 -14.02 -18.22 -11.66
N GLU A 260 -13.66 -18.11 -10.40
CA GLU A 260 -14.61 -17.86 -9.32
C GLU A 260 -14.33 -16.46 -8.76
N GLY A 261 -15.22 -15.51 -9.06
CA GLY A 261 -15.03 -14.10 -8.69
C GLY A 261 -15.19 -13.90 -7.19
N PRO A 262 -14.81 -12.70 -6.68
CA PRO A 262 -14.30 -11.58 -7.48
C PRO A 262 -12.86 -11.74 -7.92
N VAL A 263 -12.62 -11.37 -9.17
CA VAL A 263 -11.31 -11.52 -9.81
C VAL A 263 -11.08 -10.34 -10.73
N TYR A 264 -9.89 -9.77 -10.67
CA TYR A 264 -9.47 -8.66 -11.51
C TYR A 264 -8.39 -9.12 -12.48
N ILE A 265 -8.66 -8.95 -13.77
CA ILE A 265 -7.74 -9.37 -14.81
C ILE A 265 -7.29 -8.13 -15.60
N GLY A 266 -6.09 -7.68 -15.27
CA GLY A 266 -5.54 -6.43 -15.82
C GLY A 266 -5.30 -6.46 -17.32
N LYS A 267 -5.19 -5.28 -17.92
CA LYS A 267 -5.06 -5.22 -19.40
C LYS A 267 -3.84 -5.95 -19.95
N GLY A 268 -4.01 -6.57 -21.10
CA GLY A 268 -2.90 -7.26 -21.75
C GLY A 268 -2.53 -8.62 -21.11
N SER A 269 -3.29 -9.05 -20.12
CA SER A 269 -3.07 -10.35 -19.45
C SER A 269 -3.31 -11.54 -20.40
N GLU A 270 -2.61 -12.65 -20.16
CA GLU A 270 -2.83 -13.88 -20.94
C GLU A 270 -3.08 -15.04 -19.96
N ILE A 271 -4.29 -15.60 -20.00
CA ILE A 271 -4.78 -16.57 -19.01
C ILE A 271 -5.11 -17.85 -19.74
N GLY A 272 -4.63 -18.95 -19.19
CA GLY A 272 -4.91 -20.25 -19.75
C GLY A 272 -3.87 -20.77 -20.73
N PRO A 273 -4.16 -21.93 -21.36
CA PRO A 273 -5.42 -22.63 -21.12
C PRO A 273 -5.41 -23.32 -19.73
N ASN A 274 -6.58 -23.71 -19.24
CA ASN A 274 -6.70 -24.60 -18.09
C ASN A 274 -6.09 -23.96 -16.85
N SER A 275 -6.34 -22.66 -16.68
CA SER A 275 -5.99 -21.99 -15.43
C SER A 275 -7.18 -21.95 -14.48
N TYR A 276 -6.91 -21.72 -13.19
CA TYR A 276 -7.97 -21.61 -12.18
C TYR A 276 -7.76 -20.32 -11.36
N LEU A 277 -8.61 -19.31 -11.56
CA LEU A 277 -8.52 -18.07 -10.79
C LEU A 277 -9.59 -18.09 -9.70
N ARG A 278 -9.16 -18.09 -8.44
CA ARG A 278 -10.11 -18.15 -7.33
C ARG A 278 -10.39 -16.76 -6.74
N PRO A 279 -11.36 -16.67 -5.80
CA PRO A 279 -11.70 -15.34 -5.23
C PRO A 279 -10.48 -14.49 -4.79
N TYR A 280 -10.54 -13.22 -5.18
CA TYR A 280 -9.50 -12.22 -4.83
C TYR A 280 -8.15 -12.43 -5.52
N THR A 281 -8.22 -12.97 -6.73
CA THR A 281 -7.10 -12.93 -7.62
C THR A 281 -7.08 -11.56 -8.24
N ILE A 282 -5.96 -10.85 -8.08
CA ILE A 282 -5.82 -9.50 -8.66
C ILE A 282 -4.57 -9.47 -9.50
N LEU A 283 -4.77 -9.41 -10.82
CA LEU A 283 -3.67 -9.42 -11.77
C LEU A 283 -3.57 -8.02 -12.30
N VAL A 284 -2.56 -7.28 -11.86
CA VAL A 284 -2.61 -5.87 -12.10
C VAL A 284 -2.55 -5.43 -13.55
N GLU A 285 -1.66 -6.03 -14.32
CA GLU A 285 -1.39 -5.59 -15.68
C GLU A 285 -0.50 -6.61 -16.38
N LYS A 286 -0.83 -6.97 -17.62
CA LYS A 286 0.07 -7.73 -18.47
C LYS A 286 0.61 -9.01 -17.80
N ASN A 287 -0.25 -9.74 -17.11
CA ASN A 287 0.13 -10.93 -16.39
C ASN A 287 -0.12 -12.15 -17.21
N LYS A 288 0.78 -13.13 -17.07
CA LYS A 288 0.57 -14.40 -17.70
C LYS A 288 0.35 -15.45 -16.61
N ILE A 289 -0.77 -16.16 -16.71
CA ILE A 289 -1.14 -17.25 -15.81
C ILE A 289 -1.41 -18.41 -16.75
N GLY A 290 -0.64 -19.49 -16.61
CA GLY A 290 -0.66 -20.58 -17.59
C GLY A 290 -1.40 -21.83 -17.16
N ALA A 291 -1.08 -22.93 -17.82
CA ALA A 291 -1.84 -24.18 -17.70
C ALA A 291 -1.49 -24.83 -16.39
N SER A 292 -2.51 -25.30 -15.67
CA SER A 292 -2.34 -25.91 -14.33
C SER A 292 -1.72 -24.94 -13.32
N VAL A 293 -2.09 -23.66 -13.44
CA VAL A 293 -1.79 -22.65 -12.50
C VAL A 293 -3.09 -22.21 -11.83
N GLU A 294 -3.04 -22.20 -10.50
CA GLU A 294 -4.15 -21.75 -9.70
C GLU A 294 -3.68 -20.53 -8.88
N VAL A 295 -4.51 -19.51 -8.80
CA VAL A 295 -4.22 -18.35 -7.97
C VAL A 295 -5.45 -18.09 -7.09
N LYS A 296 -5.17 -17.65 -5.86
CA LYS A 296 -6.20 -17.39 -4.86
C LYS A 296 -5.72 -16.26 -3.98
N GLU A 297 -6.57 -15.23 -3.84
CA GLU A 297 -6.37 -14.14 -2.87
C GLU A 297 -4.92 -13.63 -2.92
N SER A 298 -4.49 -13.18 -4.10
CA SER A 298 -3.17 -12.66 -4.25
C SER A 298 -3.14 -11.46 -5.17
N VAL A 299 -2.12 -10.63 -4.98
CA VAL A 299 -1.91 -9.48 -5.81
C VAL A 299 -0.64 -9.75 -6.59
N ILE A 300 -0.74 -9.76 -7.91
CA ILE A 300 0.38 -10.13 -8.79
C ILE A 300 0.59 -8.94 -9.72
N MET A 301 1.75 -8.29 -9.58
CA MET A 301 1.91 -6.95 -10.11
C MET A 301 2.34 -7.00 -11.56
N GLU A 302 2.61 -5.81 -12.12
CA GLU A 302 2.77 -5.61 -13.59
C GLU A 302 3.73 -6.58 -14.28
N GLY A 303 3.28 -7.18 -15.39
CA GLY A 303 4.17 -8.00 -16.24
C GLY A 303 4.68 -9.31 -15.60
N SER A 304 4.18 -9.67 -14.41
CA SER A 304 4.67 -10.92 -13.79
C SER A 304 4.05 -12.16 -14.42
N LYS A 305 4.81 -13.25 -14.47
CA LYS A 305 4.42 -14.46 -15.16
C LYS A 305 4.54 -15.70 -14.31
N ILE A 306 3.44 -16.45 -14.28
CA ILE A 306 3.31 -17.76 -13.54
C ILE A 306 2.79 -18.74 -14.55
N PRO A 307 3.68 -19.21 -15.43
CA PRO A 307 3.31 -19.96 -16.64
C PRO A 307 2.95 -21.44 -16.49
N HIS A 308 3.42 -22.17 -15.47
CA HIS A 308 3.10 -23.62 -15.46
C HIS A 308 3.09 -24.24 -14.09
N LEU A 309 2.04 -24.98 -13.80
CA LEU A 309 2.11 -26.01 -12.71
C LEU A 309 2.41 -25.40 -11.36
N SER A 310 1.70 -24.30 -11.06
CA SER A 310 2.00 -23.53 -9.87
C SER A 310 0.77 -23.21 -9.08
N TYR A 311 0.95 -23.09 -7.76
CA TYR A 311 -0.11 -22.54 -6.91
C TYR A 311 0.41 -21.30 -6.22
N VAL A 312 -0.37 -20.23 -6.29
CA VAL A 312 -0.08 -18.95 -5.59
C VAL A 312 -1.30 -18.54 -4.78
N GLY A 313 -1.20 -18.62 -3.44
CA GLY A 313 -2.32 -18.23 -2.55
C GLY A 313 -1.85 -17.26 -1.46
N ASP A 314 -2.71 -16.27 -1.17
CA ASP A 314 -2.51 -15.33 -0.06
C ASP A 314 -1.14 -14.60 -0.10
N SER A 315 -0.73 -14.20 -1.29
CA SER A 315 0.64 -13.71 -1.58
C SER A 315 0.63 -12.35 -2.25
N VAL A 316 1.76 -11.66 -2.21
CA VAL A 316 1.96 -10.51 -3.08
C VAL A 316 3.20 -10.73 -3.92
N ILE A 317 3.05 -10.64 -5.25
CA ILE A 317 4.17 -10.86 -6.14
C ILE A 317 4.34 -9.54 -6.92
N ALA A 318 5.51 -8.93 -6.79
CA ALA A 318 5.80 -7.64 -7.41
C ALA A 318 5.99 -7.77 -8.92
N GLU A 319 6.60 -6.76 -9.54
CA GLU A 319 6.51 -6.63 -10.99
C GLU A 319 7.61 -7.46 -11.66
N ASP A 320 7.34 -7.88 -12.89
CA ASP A 320 8.32 -8.57 -13.74
C ASP A 320 8.96 -9.81 -13.10
N VAL A 321 8.14 -10.51 -12.31
CA VAL A 321 8.59 -11.74 -11.65
C VAL A 321 8.31 -12.87 -12.63
N ASN A 322 9.17 -13.92 -12.62
CA ASN A 322 8.95 -15.13 -13.45
C ASN A 322 9.04 -16.36 -12.58
N PHE A 323 7.98 -17.18 -12.52
CA PHE A 323 8.02 -18.43 -11.73
C PHE A 323 8.39 -19.63 -12.62
N GLY A 324 9.44 -20.35 -12.28
CA GLY A 324 9.74 -21.58 -13.03
C GLY A 324 8.60 -22.56 -12.85
N ALA A 325 8.37 -23.45 -13.82
CA ALA A 325 7.34 -24.46 -13.69
C ALA A 325 7.45 -25.18 -12.33
N GLY A 326 6.31 -25.43 -11.71
CA GLY A 326 6.29 -26.15 -10.45
C GLY A 326 6.66 -25.37 -9.20
N THR A 327 6.85 -24.05 -9.33
CA THR A 327 7.12 -23.23 -8.16
C THR A 327 5.81 -23.19 -7.31
N LEU A 328 5.93 -23.53 -6.02
CA LEU A 328 4.79 -23.52 -5.11
C LEU A 328 5.01 -22.64 -3.91
N ILE A 329 3.94 -21.90 -3.53
CA ILE A 329 3.94 -21.13 -2.30
C ILE A 329 3.05 -21.79 -1.21
N ALA A 330 3.62 -22.04 -0.02
CA ALA A 330 2.84 -22.55 1.11
C ALA A 330 2.15 -21.35 1.77
N ASN A 331 0.87 -21.51 2.12
CA ASN A 331 0.14 -20.44 2.83
C ASN A 331 -0.37 -20.88 4.22
N LEU A 332 0.02 -22.09 4.62
CA LEU A 332 -0.40 -22.59 5.91
C LEU A 332 0.79 -23.35 6.53
N ARG A 333 1.16 -23.00 7.76
CA ARG A 333 2.30 -23.65 8.40
C ARG A 333 1.97 -25.09 8.85
N PHE A 334 3.00 -25.94 9.06
CA PHE A 334 2.76 -27.34 9.55
C PHE A 334 2.00 -27.35 10.89
N ASP A 335 2.38 -26.44 11.80
CA ASP A 335 1.65 -26.31 13.10
C ASP A 335 0.38 -25.43 13.04
N GLU A 336 0.04 -24.94 11.84
CA GLU A 336 -1.19 -24.14 11.58
C GLU A 336 -1.35 -22.88 12.43
N LYS A 337 -0.22 -22.38 12.95
CA LYS A 337 -0.22 -21.15 13.75
C LYS A 337 -0.20 -19.89 12.89
N GLU A 338 -0.50 -18.75 13.51
CA GLU A 338 -0.47 -17.46 12.82
C GLU A 338 0.87 -17.31 12.12
N VAL A 339 0.85 -16.91 10.85
CA VAL A 339 2.10 -16.80 10.12
C VAL A 339 2.81 -15.53 10.59
N LYS A 340 4.05 -15.67 11.09
CA LYS A 340 4.88 -14.50 11.42
C LYS A 340 5.70 -14.08 10.19
N VAL A 341 6.06 -12.80 10.13
CA VAL A 341 6.80 -12.19 9.00
C VAL A 341 7.89 -11.35 9.66
N ASN A 342 9.09 -11.39 9.10
CA ASN A 342 10.16 -10.50 9.56
C ASN A 342 9.93 -9.12 8.96
N VAL A 343 9.67 -8.14 9.83
CA VAL A 343 9.41 -6.78 9.41
C VAL A 343 10.36 -5.86 10.18
N LYS A 344 11.27 -5.24 9.45
CA LYS A 344 12.31 -4.36 10.02
C LYS A 344 13.04 -5.01 11.18
N GLY A 345 13.45 -6.26 10.99
CA GLY A 345 14.16 -7.00 12.02
C GLY A 345 13.38 -7.51 13.22
N LYS A 346 12.06 -7.33 13.22
CA LYS A 346 11.17 -7.92 14.24
C LYS A 346 10.27 -9.03 13.66
N ARG A 347 10.04 -10.07 14.46
CA ARG A 347 9.12 -11.15 14.13
C ARG A 347 7.68 -10.77 14.46
N ILE A 348 6.92 -10.41 13.43
CA ILE A 348 5.61 -9.80 13.57
C ILE A 348 4.48 -10.76 13.17
N SER A 349 3.44 -10.89 13.99
CA SER A 349 2.32 -11.71 13.59
C SER A 349 1.50 -10.96 12.56
N SER A 350 1.19 -11.65 11.46
CA SER A 350 0.43 -11.03 10.41
C SER A 350 -1.04 -10.90 10.75
N GLY A 351 -1.50 -11.64 11.76
CA GLY A 351 -2.94 -11.76 12.05
C GLY A 351 -3.67 -12.80 11.21
N ARG A 352 -2.91 -13.51 10.37
CA ARG A 352 -3.46 -14.42 9.38
C ARG A 352 -2.94 -15.84 9.61
N ARG A 353 -3.88 -16.76 9.67
CA ARG A 353 -3.62 -18.21 9.70
C ARG A 353 -3.10 -18.66 8.31
N LYS A 354 -3.72 -18.10 7.28
CA LYS A 354 -3.30 -18.29 5.85
C LYS A 354 -2.58 -17.06 5.24
N LEU A 355 -1.31 -17.25 4.96
CA LEU A 355 -0.51 -16.16 4.41
C LEU A 355 0.58 -16.85 3.63
N GLY A 356 0.79 -16.45 2.37
CA GLY A 356 1.88 -16.98 1.55
C GLY A 356 3.14 -16.12 1.63
N ALA A 357 3.63 -15.77 0.46
CA ALA A 357 4.95 -15.16 0.34
C ALA A 357 4.87 -13.72 -0.19
N PHE A 358 5.96 -12.98 0.00
CA PHE A 358 6.02 -11.61 -0.56
C PHE A 358 7.24 -11.57 -1.49
N ILE A 359 7.02 -11.45 -2.79
CA ILE A 359 8.10 -11.63 -3.78
C ILE A 359 8.45 -10.29 -4.43
N GLY A 360 9.70 -9.83 -4.27
CA GLY A 360 10.16 -8.57 -4.87
C GLY A 360 10.21 -8.62 -6.41
N GLY A 361 10.36 -7.43 -7.01
CA GLY A 361 10.43 -7.24 -8.42
C GLY A 361 11.60 -7.99 -9.04
N HIS A 362 11.36 -8.53 -10.24
CA HIS A 362 12.41 -9.12 -11.10
C HIS A 362 12.99 -10.41 -10.57
N VAL A 363 12.32 -11.00 -9.59
CA VAL A 363 12.73 -12.30 -9.05
C VAL A 363 12.51 -13.37 -10.10
N ARG A 364 13.40 -14.35 -10.16
CA ARG A 364 13.06 -15.53 -10.94
C ARG A 364 13.29 -16.80 -10.11
N THR A 365 12.33 -17.73 -10.17
CA THR A 365 12.50 -18.97 -9.42
C THR A 365 12.76 -20.03 -10.42
N GLY A 366 13.66 -20.94 -10.07
CA GLY A 366 13.85 -22.11 -10.90
C GLY A 366 12.67 -23.03 -10.76
N ILE A 367 12.68 -24.09 -11.55
CA ILE A 367 11.58 -25.05 -11.53
C ILE A 367 11.53 -25.72 -10.17
N ASN A 368 10.35 -26.14 -9.79
CA ASN A 368 10.15 -26.97 -8.59
C ASN A 368 10.57 -26.32 -7.29
N VAL A 369 10.58 -24.98 -7.26
CA VAL A 369 10.90 -24.26 -6.06
C VAL A 369 9.74 -24.29 -5.04
N THR A 370 10.10 -24.50 -3.78
CA THR A 370 9.18 -24.51 -2.62
C THR A 370 9.37 -23.29 -1.73
N ILE A 371 8.30 -22.52 -1.53
CA ILE A 371 8.43 -21.30 -0.71
C ILE A 371 7.53 -21.38 0.54
N LEU A 372 8.10 -21.17 1.73
CA LEU A 372 7.31 -21.35 2.94
C LEU A 372 6.45 -20.11 3.29
N PRO A 373 5.48 -20.28 4.22
CA PRO A 373 4.55 -19.17 4.53
C PRO A 373 5.27 -17.96 5.16
N GLY A 374 4.88 -16.78 4.75
CA GLY A 374 5.43 -15.57 5.38
C GLY A 374 6.79 -15.16 4.88
N VAL A 375 7.40 -15.98 4.00
CA VAL A 375 8.71 -15.67 3.46
C VAL A 375 8.76 -14.43 2.56
N LYS A 376 9.79 -13.60 2.76
CA LYS A 376 10.06 -12.49 1.84
C LYS A 376 11.24 -12.82 0.94
N ILE A 377 11.02 -12.66 -0.36
CA ILE A 377 12.11 -12.76 -1.30
C ILE A 377 12.41 -11.41 -1.93
N GLY A 378 13.64 -10.94 -1.71
CA GLY A 378 14.12 -9.63 -2.19
C GLY A 378 14.07 -9.50 -3.70
N ALA A 379 13.98 -8.28 -4.17
CA ALA A 379 13.95 -7.99 -5.60
C ALA A 379 15.23 -8.48 -6.23
N TYR A 380 15.13 -8.95 -7.48
CA TYR A 380 16.29 -9.49 -8.24
C TYR A 380 16.89 -10.80 -7.71
N ALA A 381 16.26 -11.37 -6.70
CA ALA A 381 16.73 -12.67 -6.22
C ALA A 381 16.59 -13.74 -7.30
N ARG A 382 17.45 -14.77 -7.23
CA ARG A 382 17.40 -15.91 -8.13
C ARG A 382 17.38 -17.19 -7.29
N ILE A 383 16.35 -18.00 -7.46
CA ILE A 383 16.18 -19.20 -6.68
C ILE A 383 16.52 -20.42 -7.54
N TYR A 384 17.47 -21.14 -7.03
CA TYR A 384 17.99 -22.35 -7.66
C TYR A 384 16.87 -23.39 -7.77
N PRO A 385 16.76 -24.12 -8.90
CA PRO A 385 15.76 -25.17 -9.07
C PRO A 385 15.70 -26.13 -7.91
N GLY A 386 14.47 -26.49 -7.52
CA GLY A 386 14.29 -27.43 -6.40
C GLY A 386 14.58 -26.93 -5.01
N ALA A 387 14.99 -25.67 -4.87
CA ALA A 387 15.33 -25.13 -3.55
C ALA A 387 14.10 -24.99 -2.67
N VAL A 388 14.33 -25.18 -1.37
CA VAL A 388 13.31 -24.95 -0.37
C VAL A 388 13.62 -23.60 0.32
N VAL A 389 12.83 -22.59 0.01
CA VAL A 389 13.09 -21.24 0.53
C VAL A 389 12.38 -21.12 1.90
N ASN A 390 13.14 -21.41 2.95
CA ASN A 390 12.64 -21.59 4.30
C ASN A 390 13.02 -20.40 5.20
N ARG A 391 13.55 -19.35 4.57
CA ARG A 391 13.98 -18.12 5.24
C ARG A 391 13.96 -16.97 4.21
N ASP A 392 14.10 -15.74 4.70
CA ASP A 392 13.99 -14.58 3.79
C ASP A 392 15.21 -14.59 2.94
N VAL A 393 15.05 -14.15 1.70
CA VAL A 393 16.14 -14.04 0.74
C VAL A 393 16.44 -12.53 0.53
N GLY A 394 17.69 -12.15 0.62
CA GLY A 394 18.04 -10.75 0.43
C GLY A 394 17.88 -10.22 -0.98
N TYR A 395 17.86 -8.88 -1.08
CA TYR A 395 17.80 -8.19 -2.35
C TYR A 395 18.93 -8.71 -3.24
N GLY A 396 18.62 -9.09 -4.47
CA GLY A 396 19.67 -9.47 -5.42
C GLY A 396 20.41 -10.78 -5.15
N GLU A 397 19.90 -11.60 -4.22
CA GLU A 397 20.64 -12.78 -3.82
C GLU A 397 20.27 -14.06 -4.57
N PHE A 398 21.30 -14.80 -4.96
CA PHE A 398 21.11 -16.18 -5.37
C PHE A 398 20.87 -17.01 -4.11
N PHE A 399 19.89 -17.92 -4.17
CA PHE A 399 19.57 -18.80 -3.05
C PHE A 399 19.51 -20.25 -3.54
N LYS A 400 20.29 -21.13 -2.93
CA LYS A 400 20.11 -22.57 -3.14
C LYS A 400 19.73 -23.32 -1.83
N VAL A 401 20.09 -22.77 -0.66
CA VAL A 401 20.00 -23.52 0.57
C VAL A 401 20.18 -22.63 1.82
#